data_8EEZ
#
_entry.id   8EEZ
#
_cell.length_a   55.981
_cell.length_b   71.226
_cell.length_c   114.176
_cell.angle_alpha   90.000
_cell.angle_beta   90.000
_cell.angle_gamma   90.000
#
_symmetry.space_group_name_H-M   'P 21 21 21'
#
loop_
_entity.id
_entity.type
_entity.pdbx_description
1 polymer 'rhMZ100-C antibody heavy chain'
2 polymer 'rhMZ100-C antibody light chain'
3 water water
#
loop_
_entity_poly.entity_id
_entity_poly.type
_entity_poly.pdbx_seq_one_letter_code
_entity_poly.pdbx_strand_id
1 'polypeptide(L)'
;EVQLVESGGGLVQPGGSLRLSCAASGFTFSSDGMSWVRQAPGKGLEWVSYISSGGATTYYADSVKGRFTISRDNSKNTLS
LQMNSLRGEDTAVYYCAKDITAPGRNGLDSWGQGVVVTVSSASTKGPSVFPLAPSSRSTSESTAALGCLVKDYFPEPVTV
SWNSGSLTSGVHTFPAVLQSSGLYSLSSVVTVPSSSLGTQTYVCNVNHKPSNTKVDKRVEIK
;
H
2 'polypeptide(L)'
;QSVLTQPPSLSASPGASARLPCTLSSDLNVGTKNMYWYQQKPGSAPRLFLYYYSDSDKQLGPGVPNRVSGSKETSSNTAF
LLISGLQPEDEADYYCQVYDNSARVFGGGTRLTVLGQPKAAPSVTLFPPSSEELQANKATLVCLISDFYPGAVEVAWKAD
GSAVNAGVETTKPSKQSNNKYAASSYLSLTSDQWKSHKSYSCQVTHEGSTVEKTVAPAE
;
L
#
# COMPACT_ATOMS: atom_id res chain seq x y z
N VAL A 2 13.05 -25.01 -2.18
CA VAL A 2 13.62 -23.83 -2.83
C VAL A 2 13.75 -22.71 -1.79
N GLN A 3 14.94 -22.12 -1.69
CA GLN A 3 15.20 -21.00 -0.80
C GLN A 3 15.85 -19.88 -1.59
N LEU A 4 15.36 -18.65 -1.37
CA LEU A 4 15.88 -17.42 -1.98
C LEU A 4 16.01 -16.40 -0.85
N VAL A 5 17.23 -16.05 -0.44
CA VAL A 5 17.43 -15.23 0.77
C VAL A 5 18.15 -13.94 0.38
N GLU A 6 17.44 -12.81 0.46
CA GLU A 6 17.96 -11.52 0.01
C GLU A 6 18.69 -10.84 1.15
N SER A 7 19.58 -9.93 0.78
CA SER A 7 20.30 -9.17 1.80
C SER A 7 20.79 -7.87 1.16
N GLY A 8 21.31 -6.99 2.02
CA GLY A 8 21.95 -5.78 1.55
C GLY A 8 21.04 -4.59 1.32
N GLY A 9 19.98 -4.46 2.10
CA GLY A 9 19.10 -3.31 2.01
C GLY A 9 19.51 -2.20 2.96
N GLY A 10 18.54 -1.39 3.36
CA GLY A 10 18.73 -0.43 4.42
C GLY A 10 18.35 0.97 3.99
N LEU A 11 18.79 1.95 4.79
CA LEU A 11 18.53 3.35 4.53
C LEU A 11 19.64 3.96 3.67
N VAL A 12 19.26 4.78 2.71
CA VAL A 12 20.21 5.50 1.88
C VAL A 12 19.64 6.89 1.63
N GLN A 13 20.52 7.84 1.42
CA GLN A 13 20.11 9.20 1.12
C GLN A 13 19.84 9.32 -0.38
N PRO A 14 19.05 10.29 -0.80
CA PRO A 14 18.75 10.43 -2.23
C PRO A 14 20.02 10.72 -3.02
N GLY A 15 20.13 10.09 -4.18
CA GLY A 15 21.33 10.22 -4.98
C GLY A 15 22.44 9.26 -4.62
N GLY A 16 22.18 8.28 -3.77
CA GLY A 16 23.16 7.28 -3.39
C GLY A 16 22.90 5.93 -4.01
N SER A 17 23.59 4.92 -3.48
CA SER A 17 23.68 3.61 -4.10
C SER A 17 23.53 2.50 -3.06
N LEU A 18 22.87 1.40 -3.47
CA LEU A 18 22.81 0.16 -2.72
C LEU A 18 23.09 -0.99 -3.66
N ARG A 19 23.49 -2.10 -3.08
CA ARG A 19 23.69 -3.29 -3.84
C ARG A 19 22.98 -4.41 -3.16
N LEU A 20 21.99 -4.97 -3.79
CA LEU A 20 21.20 -6.04 -3.21
C LEU A 20 21.78 -7.37 -3.65
N SER A 21 21.62 -8.38 -2.79
CA SER A 21 22.15 -9.70 -3.04
C SER A 21 21.10 -10.73 -2.63
N CYS A 22 21.06 -11.84 -3.37
CA CYS A 22 20.13 -12.93 -3.13
C CYS A 22 20.83 -14.25 -3.38
N ALA A 23 20.92 -15.08 -2.33
CA ALA A 23 21.56 -16.39 -2.41
C ALA A 23 20.49 -17.44 -2.58
N ALA A 24 20.72 -18.39 -3.48
CA ALA A 24 19.71 -19.34 -3.92
C ALA A 24 20.11 -20.77 -3.61
N SER A 25 19.15 -21.59 -3.19
CA SER A 25 19.45 -23.00 -3.02
C SER A 25 18.19 -23.81 -3.32
N GLY A 26 18.35 -25.12 -3.39
CA GLY A 26 17.22 -26.00 -3.59
C GLY A 26 16.83 -26.23 -5.04
N PHE A 27 17.62 -25.77 -5.99
CA PHE A 27 17.32 -25.93 -7.41
C PHE A 27 18.58 -25.56 -8.18
N THR A 28 18.65 -25.99 -9.44
CA THR A 28 19.83 -25.69 -10.26
C THR A 28 19.70 -24.24 -10.72
N PHE A 29 20.32 -23.33 -9.93
CA PHE A 29 20.22 -21.87 -10.16
C PHE A 29 20.69 -21.47 -11.56
N SER A 30 21.80 -22.04 -12.03
CA SER A 30 22.38 -21.60 -13.31
C SER A 30 21.53 -21.95 -14.52
N SER A 31 20.50 -22.78 -14.37
CA SER A 31 19.61 -23.15 -15.46
C SER A 31 18.43 -22.19 -15.62
N ASP A 32 18.20 -21.31 -14.66
CA ASP A 32 16.97 -20.52 -14.58
C ASP A 32 17.23 -19.03 -14.73
N GLY A 33 16.34 -18.37 -15.46
CA GLY A 33 16.24 -16.92 -15.38
C GLY A 33 15.72 -16.46 -14.03
N MET A 34 15.96 -15.17 -13.75
CA MET A 34 15.68 -14.57 -12.45
C MET A 34 15.21 -13.14 -12.66
N SER A 35 14.34 -12.67 -11.75
CA SER A 35 13.91 -11.27 -11.75
C SER A 35 13.93 -10.67 -10.36
N TRP A 36 13.96 -9.33 -10.34
CA TRP A 36 13.67 -8.56 -9.14
C TRP A 36 12.33 -7.85 -9.31
N VAL A 37 11.52 -7.86 -8.24
CA VAL A 37 10.22 -7.22 -8.20
C VAL A 37 10.13 -6.39 -6.92
N ARG A 38 9.50 -5.22 -6.98
CA ARG A 38 9.47 -4.32 -5.84
C ARG A 38 8.02 -4.03 -5.43
N GLN A 39 7.82 -3.60 -4.20
CA GLN A 39 6.48 -3.26 -3.70
C GLN A 39 6.62 -2.09 -2.74
N ALA A 40 6.16 -0.92 -3.17
CA ALA A 40 6.21 0.24 -2.33
C ALA A 40 5.18 0.10 -1.21
N PRO A 41 5.39 0.76 -0.08
CA PRO A 41 4.54 0.53 1.09
C PRO A 41 3.08 0.79 0.78
N GLY A 42 2.27 -0.24 0.98
CA GLY A 42 0.83 -0.15 0.76
C GLY A 42 0.38 -0.12 -0.69
N LYS A 43 1.29 -0.37 -1.64
CA LYS A 43 0.91 -0.35 -3.04
C LYS A 43 1.10 -1.75 -3.62
N GLY A 44 0.95 -1.86 -4.95
CA GLY A 44 0.98 -3.15 -5.64
C GLY A 44 2.38 -3.58 -6.02
N LEU A 45 2.46 -4.56 -6.92
CA LEU A 45 3.72 -5.12 -7.38
C LEU A 45 4.17 -4.44 -8.68
N GLU A 46 5.48 -4.19 -8.82
CA GLU A 46 5.96 -3.80 -10.14
C GLU A 46 7.31 -4.41 -10.40
N TRP A 47 7.43 -4.99 -11.59
CA TRP A 47 8.65 -5.63 -12.03
C TRP A 47 9.78 -4.62 -12.26
N VAL A 48 10.98 -5.00 -11.85
CA VAL A 48 12.16 -4.15 -11.87
C VAL A 48 13.12 -4.56 -12.97
N SER A 49 13.52 -5.84 -13.00
CA SER A 49 14.58 -6.27 -13.90
C SER A 49 14.63 -7.80 -14.01
N TYR A 50 15.13 -8.28 -15.15
CA TYR A 50 15.26 -9.70 -15.47
C TYR A 50 16.65 -9.99 -16.02
N ILE A 51 17.21 -11.16 -15.66
CA ILE A 51 18.44 -11.66 -16.25
C ILE A 51 18.27 -13.13 -16.58
N SER A 52 18.78 -13.52 -17.75
CA SER A 52 18.62 -14.89 -18.22
C SER A 52 19.60 -15.83 -17.51
N SER A 53 19.35 -17.13 -17.71
CA SER A 53 20.12 -18.16 -17.03
C SER A 53 21.64 -17.95 -17.18
N GLY A 54 22.09 -17.63 -18.39
CA GLY A 54 23.51 -17.44 -18.66
C GLY A 54 23.99 -16.00 -18.71
N GLY A 55 23.17 -15.03 -18.33
CA GLY A 55 23.59 -13.64 -18.21
C GLY A 55 23.66 -12.86 -19.50
N ALA A 56 23.47 -13.50 -20.65
CA ALA A 56 23.59 -12.81 -21.94
C ALA A 56 22.48 -11.76 -22.12
N THR A 57 21.28 -12.03 -21.61
CA THR A 57 20.13 -11.14 -21.82
C THR A 57 19.67 -10.55 -20.49
N THR A 58 19.55 -9.21 -20.44
CA THR A 58 18.99 -8.46 -19.32
C THR A 58 17.93 -7.49 -19.82
N TYR A 59 16.86 -7.31 -19.02
CA TYR A 59 15.81 -6.35 -19.32
C TYR A 59 15.51 -5.50 -18.09
N TYR A 60 15.06 -4.26 -18.33
CA TYR A 60 14.81 -3.27 -17.28
C TYR A 60 13.50 -2.53 -17.53
N ALA A 61 12.77 -2.28 -16.45
CA ALA A 61 11.60 -1.40 -16.52
C ALA A 61 12.05 0.03 -16.82
N ASP A 62 11.18 0.78 -17.50
CA ASP A 62 11.55 2.15 -17.89
C ASP A 62 11.88 3.02 -16.68
N SER A 63 11.17 2.83 -15.56
CA SER A 63 11.42 3.66 -14.38
C SER A 63 12.79 3.41 -13.76
N VAL A 64 13.55 2.44 -14.27
CA VAL A 64 14.77 1.97 -13.63
C VAL A 64 15.93 1.92 -14.62
N LYS A 65 15.62 1.97 -15.91
CA LYS A 65 16.63 1.80 -16.95
C LYS A 65 17.69 2.91 -16.91
N GLY A 66 18.97 2.52 -17.02
CA GLY A 66 20.10 3.43 -16.92
C GLY A 66 20.66 3.62 -15.52
N ARG A 67 19.88 3.34 -14.47
CA ARG A 67 20.21 3.53 -13.07
C ARG A 67 20.58 2.23 -12.36
N PHE A 68 19.87 1.13 -12.62
CA PHE A 68 20.14 -0.14 -11.99
C PHE A 68 20.86 -1.07 -12.96
N THR A 69 21.56 -2.06 -12.39
CA THR A 69 22.23 -3.12 -13.15
C THR A 69 21.96 -4.44 -12.44
N ILE A 70 21.39 -5.40 -13.15
CA ILE A 70 21.18 -6.74 -12.60
C ILE A 70 22.38 -7.61 -12.99
N SER A 71 22.78 -8.54 -12.11
CA SER A 71 23.95 -9.39 -12.31
C SER A 71 23.69 -10.76 -11.69
N ARG A 72 24.49 -11.75 -12.14
CA ARG A 72 24.48 -13.12 -11.64
C ARG A 72 25.92 -13.63 -11.46
N ASP A 73 26.11 -14.53 -10.50
CA ASP A 73 27.31 -15.36 -10.43
C ASP A 73 26.84 -16.80 -10.33
N ASN A 74 26.95 -17.56 -11.43
CA ASN A 74 26.38 -18.89 -11.42
C ASN A 74 27.24 -19.89 -10.69
N SER A 75 28.50 -19.56 -10.45
CA SER A 75 29.32 -20.44 -9.62
C SER A 75 28.95 -20.31 -8.16
N LYS A 76 28.60 -19.12 -7.71
CA LYS A 76 28.29 -18.86 -6.31
C LYS A 76 26.81 -18.94 -6.01
N ASN A 77 25.97 -19.06 -7.05
CA ASN A 77 24.50 -19.11 -6.94
C ASN A 77 23.94 -17.82 -6.33
N THR A 78 24.42 -16.69 -6.81
CA THR A 78 23.91 -15.43 -6.29
C THR A 78 23.36 -14.56 -7.42
N LEU A 79 22.32 -13.82 -7.07
CA LEU A 79 21.73 -12.76 -7.89
C LEU A 79 22.07 -11.42 -7.25
N SER A 80 22.33 -10.40 -8.06
CA SER A 80 22.70 -9.08 -7.55
C SER A 80 21.92 -7.98 -8.26
N LEU A 81 21.67 -6.87 -7.55
CA LEU A 81 21.06 -5.68 -8.18
C LEU A 81 21.83 -4.45 -7.71
N GLN A 82 22.52 -3.79 -8.65
CA GLN A 82 23.17 -2.51 -8.36
C GLN A 82 22.17 -1.39 -8.61
N MET A 83 22.02 -0.51 -7.62
CA MET A 83 21.03 0.56 -7.65
C MET A 83 21.74 1.89 -7.51
N ASN A 84 21.76 2.69 -8.58
CA ASN A 84 22.43 3.98 -8.54
C ASN A 84 21.40 5.10 -8.58
N SER A 85 21.82 6.29 -8.15
CA SER A 85 21.02 7.51 -8.28
C SER A 85 19.63 7.32 -7.68
N LEU A 86 19.59 6.65 -6.53
CA LEU A 86 18.31 6.35 -5.89
C LEU A 86 17.53 7.62 -5.57
N ARG A 87 16.20 7.53 -5.72
CA ARG A 87 15.30 8.63 -5.44
C ARG A 87 14.17 8.11 -4.54
N GLY A 88 13.26 9.02 -4.16
CA GLY A 88 12.21 8.65 -3.21
C GLY A 88 11.25 7.60 -3.73
N GLU A 89 10.98 7.60 -5.04
CA GLU A 89 10.17 6.54 -5.66
C GLU A 89 10.69 5.14 -5.37
N ASP A 90 11.98 4.99 -5.10
CA ASP A 90 12.57 3.65 -5.00
C ASP A 90 12.37 2.99 -3.64
N THR A 91 11.84 3.68 -2.65
CA THR A 91 11.57 3.07 -1.34
C THR A 91 10.55 1.95 -1.45
N ALA A 92 10.96 0.70 -1.22
CA ALA A 92 10.04 -0.41 -1.37
C ALA A 92 10.69 -1.63 -0.73
N VAL A 93 9.90 -2.70 -0.63
CA VAL A 93 10.45 -4.03 -0.40
C VAL A 93 10.82 -4.63 -1.75
N TYR A 94 12.00 -5.22 -1.83
CA TYR A 94 12.52 -5.83 -3.04
C TYR A 94 12.57 -7.36 -2.97
N TYR A 95 11.87 -8.00 -3.86
CA TYR A 95 11.79 -9.46 -3.88
C TYR A 95 12.64 -10.01 -5.01
N CYS A 96 13.39 -11.06 -4.69
CA CYS A 96 14.06 -11.86 -5.69
C CYS A 96 13.16 -13.03 -6.09
N ALA A 97 13.10 -13.32 -7.40
CA ALA A 97 12.21 -14.37 -7.89
C ALA A 97 12.82 -15.14 -9.06
N LYS A 98 12.59 -16.47 -9.06
CA LYS A 98 12.75 -17.29 -10.25
C LYS A 98 11.77 -16.83 -11.32
N ASP A 99 12.28 -16.69 -12.55
CA ASP A 99 11.50 -16.19 -13.69
C ASP A 99 11.84 -17.15 -14.83
N ILE A 100 11.01 -18.18 -14.99
CA ILE A 100 11.44 -19.40 -15.64
C ILE A 100 11.03 -19.42 -17.11
N THR A 101 11.72 -20.26 -17.87
CA THR A 101 11.31 -20.63 -19.23
C THR A 101 11.14 -22.14 -19.26
N ALA A 102 9.91 -22.59 -19.52
CA ALA A 102 9.64 -24.01 -19.77
C ALA A 102 8.95 -24.09 -21.14
N PRO A 103 8.66 -25.27 -21.67
CA PRO A 103 7.92 -25.29 -22.94
C PRO A 103 6.56 -24.65 -22.74
N GLY A 104 6.28 -23.63 -23.55
CA GLY A 104 4.98 -23.01 -23.57
C GLY A 104 4.59 -22.14 -22.38
N ARG A 105 5.46 -21.76 -21.33
CA ARG A 105 5.15 -20.92 -20.18
C ARG A 105 6.40 -20.28 -19.59
N ASN A 106 6.09 -19.40 -18.84
CA ASN A 106 7.03 -18.62 -18.06
C ASN A 106 6.53 -18.63 -16.63
N GLY A 107 6.91 -17.64 -15.84
CA GLY A 107 6.22 -17.36 -14.59
C GLY A 107 7.20 -17.16 -13.44
N LEU A 108 6.76 -16.39 -12.45
CA LEU A 108 7.57 -16.10 -11.27
C LEU A 108 7.29 -17.19 -10.24
N ASP A 109 8.01 -18.30 -10.38
CA ASP A 109 7.60 -19.54 -9.70
C ASP A 109 7.90 -19.53 -8.22
N SER A 110 8.98 -18.86 -7.81
CA SER A 110 9.38 -18.81 -6.41
C SER A 110 9.88 -17.40 -6.13
N TRP A 111 9.61 -16.95 -4.90
CA TRP A 111 9.87 -15.60 -4.43
C TRP A 111 10.57 -15.69 -3.08
N GLY A 112 11.62 -14.88 -2.89
CA GLY A 112 12.19 -14.68 -1.56
C GLY A 112 11.31 -13.77 -0.72
N GLN A 113 11.68 -13.61 0.55
CA GLN A 113 10.85 -12.83 1.44
C GLN A 113 11.16 -11.32 1.42
N GLY A 114 12.17 -10.89 0.68
CA GLY A 114 12.34 -9.48 0.38
C GLY A 114 13.24 -8.76 1.38
N VAL A 115 13.81 -7.64 0.91
CA VAL A 115 14.60 -6.74 1.74
C VAL A 115 14.06 -5.32 1.59
N VAL A 116 14.01 -4.60 2.72
CA VAL A 116 13.53 -3.23 2.77
C VAL A 116 14.60 -2.28 2.23
N VAL A 117 14.21 -1.40 1.32
CA VAL A 117 15.06 -0.31 0.86
C VAL A 117 14.32 0.98 1.12
N THR A 118 14.91 1.87 1.94
CA THR A 118 14.30 3.14 2.29
C THR A 118 15.20 4.29 1.83
N VAL A 119 14.61 5.23 1.11
CA VAL A 119 15.35 6.37 0.58
C VAL A 119 14.77 7.62 1.24
N SER A 120 15.51 8.17 2.20
CA SER A 120 15.10 9.37 2.91
C SER A 120 16.25 10.34 2.92
N SER A 121 15.93 11.61 2.70
CA SER A 121 16.93 12.67 2.76
C SER A 121 17.17 13.11 4.20
N ALA A 122 16.24 12.80 5.08
CA ALA A 122 16.39 12.99 6.51
C ALA A 122 17.10 11.81 7.14
N SER A 123 17.68 12.04 8.30
CA SER A 123 18.19 10.98 9.15
C SER A 123 17.55 10.98 10.53
N THR A 124 17.30 12.16 11.10
CA THR A 124 16.67 12.32 12.40
C THR A 124 15.97 13.67 12.39
N LYS A 125 14.65 13.66 12.35
CA LYS A 125 13.87 14.90 12.31
C LYS A 125 12.73 14.83 13.32
N GLY A 126 12.69 15.79 14.26
CA GLY A 126 11.57 15.91 15.16
C GLY A 126 10.33 16.42 14.46
N PRO A 127 9.16 16.10 15.02
CA PRO A 127 7.89 16.42 14.35
C PRO A 127 7.44 17.84 14.64
N SER A 128 6.54 18.33 13.80
CA SER A 128 5.77 19.55 14.05
C SER A 128 4.36 19.12 14.43
N VAL A 129 3.91 19.54 15.59
CA VAL A 129 2.63 19.12 16.13
C VAL A 129 1.65 20.27 15.99
N PHE A 130 0.48 19.99 15.40
CA PHE A 130 -0.55 21.00 15.22
C PHE A 130 -1.87 20.50 15.78
N PRO A 131 -2.69 21.41 16.33
CA PRO A 131 -4.00 21.01 16.86
C PRO A 131 -4.97 20.68 15.74
N LEU A 132 -5.85 19.70 16.01
CA LEU A 132 -7.01 19.41 15.18
C LEU A 132 -8.22 19.83 16.01
N ALA A 133 -8.63 21.10 15.88
CA ALA A 133 -9.61 21.69 16.78
C ALA A 133 -11.02 21.17 16.48
N PRO A 134 -11.90 21.13 17.49
CA PRO A 134 -13.20 20.44 17.31
C PRO A 134 -13.98 20.87 16.09
N SER A 135 -14.17 22.18 15.91
CA SER A 135 -14.50 22.82 14.63
C SER A 135 -15.93 22.63 14.13
N SER A 136 -16.68 21.72 14.73
CA SER A 136 -18.07 21.52 14.32
C SER A 136 -18.79 20.79 15.43
N ARG A 137 -20.11 20.96 15.46
CA ARG A 137 -20.89 20.25 16.46
C ARG A 137 -20.80 18.73 16.24
N SER A 138 -20.99 18.20 15.02
CA SER A 138 -20.84 16.74 14.86
C SER A 138 -21.75 16.31 15.96
N THR A 139 -23.06 16.39 15.77
CA THR A 139 -23.70 16.46 17.07
C THR A 139 -23.64 15.14 17.84
N SER A 140 -24.45 14.14 17.47
CA SER A 140 -24.42 12.89 18.20
C SER A 140 -24.56 13.17 19.69
N GLU A 141 -25.63 13.89 20.04
CA GLU A 141 -25.97 14.27 21.41
C GLU A 141 -24.93 15.08 22.20
N SER A 142 -23.71 14.56 22.32
CA SER A 142 -22.68 15.24 23.09
C SER A 142 -21.29 15.07 22.53
N THR A 143 -21.14 14.30 21.45
CA THR A 143 -19.83 13.86 20.99
C THR A 143 -19.15 14.90 20.10
N ALA A 144 -17.87 15.15 20.39
CA ALA A 144 -17.01 15.99 19.58
C ALA A 144 -15.64 15.34 19.46
N ALA A 145 -15.03 15.54 18.31
CA ALA A 145 -13.74 14.94 17.96
C ALA A 145 -12.71 16.04 17.87
N LEU A 146 -11.63 15.90 18.61
CA LEU A 146 -10.51 16.81 18.51
C LEU A 146 -9.24 15.98 18.42
N GLY A 147 -8.17 16.58 17.89
CA GLY A 147 -6.94 15.83 17.71
C GLY A 147 -5.63 16.61 17.70
N CYS A 148 -4.57 15.89 17.36
CA CYS A 148 -3.25 16.44 17.08
C CYS A 148 -2.74 15.81 15.80
N LEU A 149 -2.27 16.66 14.88
CA LEU A 149 -1.51 16.24 13.71
C LEU A 149 -0.02 16.27 14.03
N VAL A 150 0.68 15.17 13.73
CA VAL A 150 2.10 15.02 14.05
C VAL A 150 2.84 14.91 12.72
N LYS A 151 3.42 16.02 12.26
CA LYS A 151 3.80 16.19 10.86
C LYS A 151 5.32 16.06 10.70
N ASP A 152 5.74 15.28 9.70
CA ASP A 152 7.10 15.32 9.12
C ASP A 152 8.19 14.99 10.17
N TYR A 153 8.23 13.74 10.58
CA TYR A 153 9.19 13.25 11.56
C TYR A 153 9.91 12.03 10.99
N PHE A 154 11.09 11.73 11.51
CA PHE A 154 11.85 10.58 11.01
C PHE A 154 12.94 10.27 12.02
N PRO A 155 13.19 8.98 12.34
CA PRO A 155 12.44 7.82 11.84
C PRO A 155 11.30 7.48 12.78
N GLU A 156 10.65 6.36 12.54
CA GLU A 156 9.68 5.80 13.48
C GLU A 156 10.40 5.39 14.77
N PRO A 157 9.68 5.32 15.90
CA PRO A 157 8.27 5.65 16.12
C PRO A 157 8.07 6.95 16.91
N VAL A 158 6.80 7.26 17.03
CA VAL A 158 6.26 8.30 17.89
C VAL A 158 5.21 7.63 18.77
N THR A 159 5.09 8.04 20.02
CA THR A 159 3.94 7.67 20.80
C THR A 159 3.17 8.92 21.18
N VAL A 160 1.87 8.77 21.41
CA VAL A 160 0.99 9.87 21.76
C VAL A 160 0.20 9.48 22.99
N SER A 161 0.13 10.37 23.99
CA SER A 161 -0.78 10.31 25.12
C SER A 161 -1.73 11.49 25.09
N TRP A 162 -2.72 11.50 25.99
CA TRP A 162 -3.63 12.61 26.15
C TRP A 162 -3.77 12.91 27.64
N ASN A 163 -3.64 14.19 27.98
CA ASN A 163 -3.65 14.68 29.36
C ASN A 163 -2.80 13.81 30.28
N SER A 164 -1.59 13.53 29.82
CA SER A 164 -0.58 12.79 30.58
C SER A 164 -1.05 11.39 30.96
N GLY A 165 -1.81 10.74 30.09
CA GLY A 165 -2.23 9.37 30.33
C GLY A 165 -3.52 9.25 31.12
N SER A 166 -4.18 10.37 31.45
CA SER A 166 -5.43 10.37 32.19
C SER A 166 -6.63 10.12 31.28
N LEU A 167 -6.50 10.37 29.99
CA LEU A 167 -7.60 10.24 29.05
C LEU A 167 -7.27 9.11 28.09
N THR A 168 -8.03 8.02 28.20
CA THR A 168 -7.79 6.78 27.45
C THR A 168 -9.00 6.30 26.70
N SER A 169 -10.20 6.51 27.24
CA SER A 169 -11.42 6.12 26.53
C SER A 169 -11.62 7.01 25.31
N GLY A 170 -11.95 6.40 24.18
CA GLY A 170 -12.24 7.17 22.99
C GLY A 170 -11.03 7.75 22.29
N VAL A 171 -9.83 7.26 22.60
CA VAL A 171 -8.60 7.73 21.96
C VAL A 171 -8.33 6.84 20.75
N HIS A 172 -8.12 7.47 19.59
CA HIS A 172 -7.79 6.75 18.36
C HIS A 172 -6.51 7.34 17.75
N THR A 173 -5.40 6.67 17.95
CA THR A 173 -4.14 7.09 17.36
C THR A 173 -3.86 6.26 16.10
N PHE A 174 -3.88 6.87 14.95
CA PHE A 174 -3.68 6.15 13.71
C PHE A 174 -2.28 5.75 13.31
N PRO A 175 -2.18 4.70 12.54
CA PRO A 175 -0.84 4.36 12.00
C PRO A 175 -0.29 5.47 11.11
N ALA A 176 1.03 5.58 11.10
CA ALA A 176 1.68 6.65 10.38
C ALA A 176 1.63 6.41 8.87
N VAL A 177 1.63 7.51 8.12
CA VAL A 177 1.82 7.44 6.67
C VAL A 177 3.25 7.84 6.36
N LEU A 178 3.82 7.26 5.33
CA LEU A 178 5.12 7.65 4.82
C LEU A 178 4.93 8.37 3.49
N GLN A 179 5.42 9.59 3.40
CA GLN A 179 5.21 10.41 2.22
C GLN A 179 6.41 10.31 1.26
N SER A 180 6.18 10.72 0.00
CA SER A 180 7.22 10.62 -1.02
C SER A 180 8.47 11.42 -0.66
N SER A 181 8.38 12.30 0.33
CA SER A 181 9.52 13.06 0.84
C SER A 181 10.39 12.27 1.80
N GLY A 182 10.00 11.06 2.18
CA GLY A 182 10.75 10.25 3.12
C GLY A 182 10.39 10.45 4.59
N LEU A 183 9.37 11.24 4.89
CA LEU A 183 9.04 11.59 6.26
C LEU A 183 7.68 10.98 6.63
N TYR A 184 7.52 10.68 7.91
CA TYR A 184 6.27 10.13 8.41
C TYR A 184 5.38 11.25 8.94
N SER A 185 4.06 11.06 8.81
CA SER A 185 3.08 11.85 9.53
C SER A 185 2.05 10.92 10.14
N LEU A 186 1.37 11.44 11.16
CA LEU A 186 0.56 10.63 12.05
C LEU A 186 -0.51 11.53 12.69
N SER A 187 -1.65 10.95 13.04
CA SER A 187 -2.72 11.66 13.74
C SER A 187 -3.25 10.87 14.93
N SER A 188 -3.66 11.59 15.98
CA SER A 188 -4.35 11.02 17.12
C SER A 188 -5.60 11.88 17.42
N VAL A 189 -6.77 11.24 17.52
CA VAL A 189 -8.01 11.96 17.86
C VAL A 189 -8.62 11.37 19.11
N VAL A 190 -9.42 12.20 19.81
CA VAL A 190 -10.20 11.76 20.96
C VAL A 190 -11.66 12.18 20.76
N THR A 191 -12.56 11.32 21.23
CA THR A 191 -13.99 11.60 21.29
C THR A 191 -14.36 12.06 22.70
N VAL A 192 -14.97 13.23 22.80
CA VAL A 192 -15.13 13.93 24.08
C VAL A 192 -16.54 14.49 24.18
N PRO A 193 -17.09 14.59 25.40
CA PRO A 193 -18.41 15.24 25.53
C PRO A 193 -18.33 16.71 25.13
N SER A 194 -19.29 17.15 24.31
CA SER A 194 -19.31 18.55 23.91
C SER A 194 -19.44 19.46 25.12
N SER A 195 -20.26 19.06 26.09
CA SER A 195 -20.44 19.86 27.30
C SER A 195 -19.12 20.16 28.01
N SER A 196 -18.10 19.34 27.81
CA SER A 196 -16.86 19.49 28.56
C SER A 196 -15.83 20.37 27.87
N LEU A 197 -16.11 20.82 26.64
CA LEU A 197 -15.14 21.61 25.90
C LEU A 197 -14.93 23.00 26.51
N GLY A 198 -15.87 23.48 27.32
CA GLY A 198 -15.68 24.72 28.04
C GLY A 198 -15.10 24.56 29.43
N THR A 199 -15.01 23.33 29.93
CA THR A 199 -14.52 23.06 31.27
C THR A 199 -13.15 22.39 31.28
N GLN A 200 -12.86 21.60 30.24
CA GLN A 200 -11.76 20.65 30.22
C GLN A 200 -10.70 21.09 29.23
N THR A 201 -9.44 21.07 29.64
CA THR A 201 -8.32 21.35 28.75
C THR A 201 -7.89 20.05 28.08
N TYR A 202 -7.59 20.11 26.78
CA TYR A 202 -7.08 18.98 26.01
C TYR A 202 -5.60 19.23 25.72
N VAL A 203 -4.74 18.27 26.07
CA VAL A 203 -3.32 18.33 25.77
C VAL A 203 -2.87 17.00 25.21
N CYS A 204 -2.26 16.98 24.02
CA CYS A 204 -1.70 15.74 23.52
C CYS A 204 -0.20 15.72 23.79
N ASN A 205 0.30 14.57 24.25
CA ASN A 205 1.67 14.39 24.69
C ASN A 205 2.39 13.56 23.63
N VAL A 206 3.18 14.22 22.79
CA VAL A 206 3.87 13.58 21.67
C VAL A 206 5.30 13.30 22.09
N ASN A 207 5.71 12.04 22.03
CA ASN A 207 7.08 11.63 22.33
C ASN A 207 7.75 11.11 21.05
N HIS A 208 8.90 11.68 20.72
CA HIS A 208 9.71 11.21 19.59
C HIS A 208 11.13 10.91 20.09
N LYS A 209 11.31 9.69 20.60
CA LYS A 209 12.58 9.33 21.21
C LYS A 209 13.75 9.39 20.23
N PRO A 210 13.61 9.01 18.94
CA PRO A 210 14.78 9.07 18.05
C PRO A 210 15.42 10.44 17.96
N SER A 211 14.66 11.54 18.04
CA SER A 211 15.23 12.88 17.99
C SER A 211 15.33 13.54 19.36
N ASN A 212 15.08 12.80 20.44
CA ASN A 212 15.10 13.35 21.81
C ASN A 212 14.18 14.57 21.95
N THR A 213 12.99 14.49 21.39
CA THR A 213 12.03 15.58 21.43
C THR A 213 10.73 15.10 22.08
N LYS A 214 10.13 15.97 22.88
CA LYS A 214 8.77 15.80 23.40
C LYS A 214 8.00 17.09 23.17
N VAL A 215 6.68 16.96 22.99
CA VAL A 215 5.81 18.10 22.75
C VAL A 215 4.50 17.89 23.51
N ASP A 216 4.03 18.92 24.23
CA ASP A 216 2.69 18.94 24.80
C ASP A 216 1.90 20.02 24.10
N LYS A 217 0.95 19.64 23.28
CA LYS A 217 0.24 20.59 22.42
C LYS A 217 -1.17 20.80 22.94
N ARG A 218 -1.46 22.02 23.37
CA ARG A 218 -2.76 22.32 23.96
C ARG A 218 -3.89 22.19 22.93
N SER B 2 0.19 -0.34 -21.83
CA SER B 2 -0.38 -1.67 -21.62
C SER B 2 -0.81 -1.88 -20.14
N VAL B 3 -2.10 -2.09 -19.90
CA VAL B 3 -2.67 -1.99 -18.54
C VAL B 3 -3.49 -3.24 -18.22
N LEU B 4 -3.42 -3.67 -16.96
CA LEU B 4 -4.26 -4.74 -16.41
C LEU B 4 -5.14 -4.17 -15.30
N THR B 5 -6.44 -4.30 -15.46
CA THR B 5 -7.42 -3.67 -14.59
C THR B 5 -8.08 -4.74 -13.73
N GLN B 6 -7.93 -4.60 -12.41
CA GLN B 6 -8.50 -5.43 -11.37
C GLN B 6 -9.41 -4.61 -10.45
N PRO B 7 -10.49 -5.18 -9.94
CA PRO B 7 -11.29 -4.43 -8.96
C PRO B 7 -10.48 -4.21 -7.70
N PRO B 8 -10.78 -3.16 -6.96
CA PRO B 8 -10.08 -2.95 -5.67
C PRO B 8 -10.30 -4.08 -4.65
N SER B 9 -11.55 -4.52 -4.45
CA SER B 9 -11.75 -5.52 -3.40
C SER B 9 -13.00 -6.35 -3.65
N LEU B 10 -12.98 -7.57 -3.13
CA LEU B 10 -14.14 -8.43 -3.08
C LEU B 10 -14.18 -9.11 -1.72
N SER B 11 -15.41 -9.38 -1.25
CA SER B 11 -15.66 -10.15 -0.04
C SER B 11 -16.68 -11.27 -0.32
N ALA B 12 -16.51 -12.40 0.39
CA ALA B 12 -17.49 -13.48 0.33
C ALA B 12 -17.38 -14.33 1.59
N SER B 13 -18.44 -15.10 1.84
CA SER B 13 -18.54 -15.95 3.02
C SER B 13 -17.78 -17.25 2.82
N PRO B 14 -17.33 -17.87 3.90
CA PRO B 14 -16.72 -19.21 3.78
C PRO B 14 -17.66 -20.17 3.09
N GLY B 15 -17.10 -21.06 2.27
CA GLY B 15 -17.89 -22.02 1.54
C GLY B 15 -18.47 -21.52 0.23
N ALA B 16 -18.47 -20.22 -0.01
CA ALA B 16 -18.96 -19.66 -1.27
C ALA B 16 -17.86 -19.68 -2.34
N SER B 17 -18.17 -19.09 -3.49
CA SER B 17 -17.25 -19.04 -4.61
C SER B 17 -16.89 -17.60 -4.91
N ALA B 18 -15.62 -17.34 -5.19
CA ALA B 18 -15.15 -16.01 -5.55
C ALA B 18 -14.65 -16.02 -6.98
N ARG B 19 -14.94 -14.92 -7.69
CA ARG B 19 -14.60 -14.78 -9.10
C ARG B 19 -13.86 -13.46 -9.24
N LEU B 20 -12.57 -13.56 -9.55
CA LEU B 20 -11.71 -12.39 -9.55
C LEU B 20 -11.38 -12.02 -10.99
N PRO B 21 -11.85 -10.87 -11.50
CA PRO B 21 -11.63 -10.51 -12.90
C PRO B 21 -10.36 -9.70 -13.13
N CYS B 22 -9.83 -9.82 -14.35
CA CYS B 22 -8.67 -9.04 -14.78
C CYS B 22 -8.84 -8.66 -16.25
N THR B 23 -9.05 -7.37 -16.52
CA THR B 23 -9.33 -6.92 -17.88
C THR B 23 -8.07 -6.34 -18.51
N LEU B 24 -7.75 -6.82 -19.70
CA LEU B 24 -6.55 -6.42 -20.43
C LEU B 24 -6.90 -5.32 -21.43
N SER B 25 -6.05 -4.29 -21.49
CA SER B 25 -6.25 -3.21 -22.43
C SER B 25 -6.16 -3.73 -23.87
N SER B 26 -6.63 -2.90 -24.82
CA SER B 26 -6.92 -3.35 -26.18
C SER B 26 -5.70 -3.73 -26.99
N ASP B 27 -4.49 -3.32 -26.59
CA ASP B 27 -3.31 -3.76 -27.32
C ASP B 27 -3.01 -5.25 -27.11
N LEU B 28 -3.61 -5.89 -26.11
CA LEU B 28 -3.37 -7.28 -25.78
C LEU B 28 -4.59 -8.11 -26.15
N ASN B 29 -4.37 -9.38 -26.49
CA ASN B 29 -5.43 -10.31 -26.89
C ASN B 29 -5.45 -11.45 -25.87
N VAL B 30 -6.44 -11.42 -24.96
CA VAL B 30 -6.52 -12.39 -23.86
C VAL B 30 -6.47 -13.83 -24.35
N GLY B 31 -6.91 -14.10 -25.57
CA GLY B 31 -6.93 -15.46 -26.06
C GLY B 31 -5.55 -16.09 -26.07
N THR B 32 -4.54 -15.35 -26.52
CA THR B 32 -3.20 -15.89 -26.70
C THR B 32 -2.18 -15.47 -25.64
N LYS B 33 -2.61 -14.89 -24.50
CA LYS B 33 -1.71 -14.54 -23.40
C LYS B 33 -1.70 -15.63 -22.33
N ASN B 34 -0.51 -16.02 -21.87
CA ASN B 34 -0.40 -16.76 -20.61
C ASN B 34 -0.78 -15.86 -19.43
N MET B 35 -1.57 -16.39 -18.50
CA MET B 35 -2.03 -15.65 -17.34
C MET B 35 -1.36 -16.19 -16.09
N TYR B 36 -0.85 -15.29 -15.24
CA TYR B 36 -0.25 -15.70 -13.97
C TYR B 36 -0.96 -14.98 -12.84
N TRP B 37 -1.26 -15.73 -11.78
CA TRP B 37 -1.96 -15.18 -10.63
C TRP B 37 -1.12 -15.42 -9.39
N TYR B 38 -0.89 -14.37 -8.63
CA TYR B 38 -0.08 -14.48 -7.43
C TYR B 38 -0.94 -14.14 -6.23
N GLN B 39 -0.79 -14.92 -5.17
CA GLN B 39 -1.46 -14.71 -3.90
C GLN B 39 -0.50 -14.01 -2.94
N GLN B 40 -0.97 -12.99 -2.23
CA GLN B 40 -0.11 -12.38 -1.22
C GLN B 40 -0.88 -12.34 0.09
N LYS B 41 -0.50 -13.18 1.03
CA LYS B 41 -1.16 -13.12 2.32
C LYS B 41 -0.53 -12.04 3.16
N PRO B 42 -1.26 -11.51 4.14
CA PRO B 42 -0.74 -10.37 4.92
C PRO B 42 0.62 -10.68 5.57
N GLY B 43 1.58 -9.77 5.34
CA GLY B 43 2.92 -9.88 5.86
C GLY B 43 3.87 -10.76 5.08
N SER B 44 3.47 -11.25 3.91
CA SER B 44 4.18 -12.31 3.21
C SER B 44 4.54 -11.87 1.79
N ALA B 45 5.58 -12.50 1.23
CA ALA B 45 5.88 -12.34 -0.18
C ALA B 45 4.78 -12.97 -1.02
N PRO B 46 4.58 -12.50 -2.26
CA PRO B 46 3.64 -13.19 -3.14
C PRO B 46 4.10 -14.62 -3.38
N ARG B 47 3.20 -15.37 -4.00
CA ARG B 47 3.36 -16.80 -4.24
C ARG B 47 2.64 -17.10 -5.55
N LEU B 48 3.25 -17.92 -6.40
CA LEU B 48 2.55 -18.31 -7.62
C LEU B 48 1.31 -19.14 -7.26
N PHE B 49 0.14 -18.67 -7.66
CA PHE B 49 -1.13 -19.28 -7.31
C PHE B 49 -1.74 -20.05 -8.48
N LEU B 50 -1.82 -19.44 -9.64
CA LEU B 50 -2.32 -20.14 -10.81
C LEU B 50 -1.63 -19.62 -12.05
N TYR B 51 -1.15 -20.55 -12.88
CA TYR B 51 -0.87 -20.32 -14.29
C TYR B 51 -2.04 -20.83 -15.14
N TYR B 52 -2.60 -19.96 -15.99
CA TYR B 52 -3.72 -20.36 -16.81
C TYR B 52 -3.54 -19.85 -18.24
N TYR B 53 -3.62 -20.76 -19.20
CA TYR B 53 -3.69 -20.40 -20.62
C TYR B 53 -4.99 -20.85 -21.24
N SER B 54 -5.37 -22.11 -21.05
CA SER B 54 -6.66 -22.63 -21.48
C SER B 54 -6.99 -23.83 -20.58
N ASP B 55 -8.20 -24.35 -20.74
CA ASP B 55 -8.62 -25.49 -19.91
C ASP B 55 -7.73 -26.71 -20.14
N SER B 56 -6.95 -26.73 -21.22
CA SER B 56 -6.04 -27.82 -21.51
C SER B 56 -4.59 -27.51 -21.16
N ASP B 57 -4.29 -26.27 -20.72
CA ASP B 57 -2.93 -25.81 -20.47
C ASP B 57 -2.98 -24.89 -19.24
N LYS B 58 -2.68 -25.44 -18.07
CA LYS B 58 -2.86 -24.69 -16.83
C LYS B 58 -2.12 -25.44 -15.73
N GLN B 59 -1.79 -24.74 -14.64
CA GLN B 59 -1.10 -25.42 -13.55
C GLN B 59 -1.25 -24.65 -12.26
N LEU B 60 -1.59 -25.35 -11.19
CA LEU B 60 -1.68 -24.76 -9.87
C LEU B 60 -0.29 -24.56 -9.28
N GLY B 61 -0.16 -23.54 -8.44
CA GLY B 61 1.07 -23.34 -7.70
C GLY B 61 1.28 -24.41 -6.65
N PRO B 62 2.51 -24.57 -6.18
CA PRO B 62 2.76 -25.57 -5.13
C PRO B 62 1.96 -25.26 -3.87
N GLY B 63 1.17 -26.25 -3.43
CA GLY B 63 0.33 -26.13 -2.26
C GLY B 63 -1.08 -25.64 -2.50
N VAL B 64 -1.42 -25.22 -3.71
CA VAL B 64 -2.67 -24.55 -4.00
C VAL B 64 -3.72 -25.63 -4.32
N PRO B 65 -4.80 -25.72 -3.55
CA PRO B 65 -5.69 -26.89 -3.66
C PRO B 65 -6.52 -26.82 -4.93
N ASN B 66 -7.15 -27.96 -5.24
CA ASN B 66 -7.92 -28.04 -6.48
C ASN B 66 -9.22 -27.26 -6.43
N ARG B 67 -9.44 -26.48 -5.38
CA ARG B 67 -10.57 -25.57 -5.32
C ARG B 67 -10.41 -24.41 -6.28
N VAL B 68 -9.29 -24.32 -6.98
CA VAL B 68 -8.91 -23.14 -7.72
C VAL B 68 -8.88 -23.47 -9.21
N SER B 69 -9.25 -22.50 -10.03
CA SER B 69 -9.21 -22.67 -11.47
C SER B 69 -9.27 -21.29 -12.11
N GLY B 70 -9.27 -21.26 -13.45
CA GLY B 70 -9.28 -20.02 -14.17
C GLY B 70 -10.14 -20.12 -15.42
N SER B 71 -10.31 -18.98 -16.08
CA SER B 71 -11.06 -18.93 -17.33
C SER B 71 -10.71 -17.64 -18.07
N LYS B 72 -11.20 -17.55 -19.30
CA LYS B 72 -11.02 -16.39 -20.16
C LYS B 72 -12.31 -16.10 -20.90
N GLU B 73 -12.65 -14.82 -21.03
CA GLU B 73 -13.75 -14.36 -21.87
C GLU B 73 -13.21 -13.38 -22.91
N THR B 74 -13.15 -13.83 -24.16
CA THR B 74 -12.50 -13.06 -25.20
C THR B 74 -13.31 -11.82 -25.58
N SER B 75 -14.62 -11.84 -25.39
CA SER B 75 -15.44 -10.69 -25.79
C SER B 75 -15.12 -9.46 -24.96
N SER B 76 -14.93 -9.63 -23.65
CA SER B 76 -14.56 -8.55 -22.76
C SER B 76 -13.06 -8.46 -22.53
N ASN B 77 -12.29 -9.34 -23.18
CA ASN B 77 -10.83 -9.34 -23.03
C ASN B 77 -10.44 -9.55 -21.56
N THR B 78 -11.14 -10.44 -20.86
CA THR B 78 -10.98 -10.58 -19.41
C THR B 78 -10.57 -12.00 -19.03
N ALA B 79 -9.66 -12.14 -18.07
CA ALA B 79 -9.34 -13.43 -17.48
C ALA B 79 -9.84 -13.48 -16.05
N PHE B 80 -10.04 -14.70 -15.55
CA PHE B 80 -10.71 -14.90 -14.27
C PHE B 80 -9.95 -15.92 -13.42
N LEU B 81 -9.98 -15.69 -12.12
CA LEU B 81 -9.47 -16.63 -11.12
C LEU B 81 -10.69 -17.07 -10.31
N LEU B 82 -10.91 -18.37 -10.24
CA LEU B 82 -12.06 -18.97 -9.60
C LEU B 82 -11.61 -19.76 -8.38
N ILE B 83 -12.20 -19.46 -7.22
CA ILE B 83 -11.94 -20.17 -5.97
C ILE B 83 -13.28 -20.60 -5.39
N SER B 84 -13.51 -21.90 -5.28
CA SER B 84 -14.75 -22.39 -4.68
C SER B 84 -14.46 -22.98 -3.31
N GLY B 85 -15.53 -23.10 -2.51
CA GLY B 85 -15.40 -23.57 -1.15
C GLY B 85 -14.43 -22.73 -0.35
N LEU B 86 -14.54 -21.41 -0.47
CA LEU B 86 -13.67 -20.46 0.20
C LEU B 86 -13.44 -20.85 1.65
N GLN B 87 -12.19 -20.86 2.05
CA GLN B 87 -11.79 -21.12 3.42
C GLN B 87 -11.12 -19.86 3.96
N PRO B 88 -11.16 -19.62 5.27
CA PRO B 88 -10.51 -18.41 5.79
C PRO B 88 -9.07 -18.26 5.34
N GLU B 89 -8.42 -19.39 5.03
CA GLU B 89 -7.03 -19.37 4.56
C GLU B 89 -6.87 -18.69 3.20
N ASP B 90 -7.95 -18.49 2.44
CA ASP B 90 -7.87 -17.88 1.11
C ASP B 90 -7.82 -16.35 1.14
N GLU B 91 -7.91 -15.73 2.31
CA GLU B 91 -7.96 -14.28 2.42
C GLU B 91 -6.59 -13.67 2.15
N ALA B 92 -6.49 -12.86 1.11
CA ALA B 92 -5.19 -12.39 0.62
C ALA B 92 -5.44 -11.33 -0.45
N ASP B 93 -4.35 -10.74 -0.93
CA ASP B 93 -4.39 -9.89 -2.12
C ASP B 93 -3.96 -10.74 -3.33
N TYR B 94 -4.66 -10.56 -4.47
CA TYR B 94 -4.44 -11.37 -5.67
C TYR B 94 -4.05 -10.48 -6.85
N TYR B 95 -2.95 -10.82 -7.53
CA TYR B 95 -2.42 -10.03 -8.65
C TYR B 95 -2.40 -10.87 -9.92
N CYS B 96 -3.05 -10.38 -10.99
CA CYS B 96 -2.84 -10.96 -12.32
C CYS B 96 -1.61 -10.31 -12.97
N GLN B 97 -1.00 -11.02 -13.91
CA GLN B 97 0.25 -10.59 -14.55
C GLN B 97 0.37 -11.32 -15.88
N VAL B 98 0.84 -10.62 -16.91
CA VAL B 98 1.24 -11.22 -18.18
C VAL B 98 2.66 -10.78 -18.53
N TYR B 99 3.17 -11.29 -19.62
CA TYR B 99 4.44 -10.89 -20.18
C TYR B 99 4.04 -10.18 -21.49
N ASP B 100 4.60 -9.02 -21.81
CA ASP B 100 4.26 -8.21 -22.99
C ASP B 100 5.54 -7.68 -23.64
N ASN B 101 5.98 -8.37 -24.69
CA ASN B 101 7.23 -8.06 -25.37
C ASN B 101 8.35 -7.92 -24.36
N SER B 102 8.38 -8.88 -23.42
CA SER B 102 9.40 -9.06 -22.39
C SER B 102 9.26 -8.05 -21.24
N ALA B 103 8.19 -7.25 -21.21
CA ALA B 103 7.88 -6.49 -20.02
C ALA B 103 6.92 -7.32 -19.18
N ARG B 104 7.13 -7.32 -17.87
CA ARG B 104 6.31 -8.05 -16.89
C ARG B 104 5.30 -7.06 -16.32
N VAL B 105 4.03 -7.19 -16.70
CA VAL B 105 2.99 -6.24 -16.32
C VAL B 105 2.05 -6.86 -15.28
N PHE B 106 1.88 -6.17 -14.15
CA PHE B 106 0.97 -6.60 -13.09
C PHE B 106 -0.32 -5.79 -13.11
N GLY B 107 -1.43 -6.44 -12.78
CA GLY B 107 -2.63 -5.72 -12.41
C GLY B 107 -2.41 -5.01 -11.07
N GLY B 108 -3.43 -4.23 -10.67
CA GLY B 108 -3.34 -3.44 -9.45
C GLY B 108 -3.65 -4.19 -8.17
N GLY B 109 -4.09 -5.44 -8.26
CA GLY B 109 -4.41 -6.20 -7.06
C GLY B 109 -5.87 -6.10 -6.68
N THR B 110 -6.43 -7.24 -6.24
CA THR B 110 -7.77 -7.32 -5.68
C THR B 110 -7.63 -7.84 -4.27
N ARG B 111 -8.24 -7.17 -3.29
CA ARG B 111 -8.18 -7.68 -1.93
C ARG B 111 -9.41 -8.51 -1.69
N LEU B 112 -9.22 -9.81 -1.44
CA LEU B 112 -10.34 -10.72 -1.17
C LEU B 112 -10.43 -10.96 0.31
N THR B 113 -11.59 -10.62 0.91
CA THR B 113 -11.86 -10.88 2.32
C THR B 113 -12.84 -12.05 2.44
N VAL B 114 -12.49 -13.05 3.25
CA VAL B 114 -13.42 -14.12 3.61
C VAL B 114 -14.12 -13.69 4.89
N LEU B 115 -15.42 -13.37 4.79
CA LEU B 115 -16.16 -12.76 5.89
C LEU B 115 -16.11 -13.63 7.15
N GLY B 116 -15.69 -13.05 8.27
CA GLY B 116 -15.64 -13.78 9.53
C GLY B 116 -16.16 -12.98 10.70
N GLN B 117 -16.95 -11.95 10.41
CA GLN B 117 -17.31 -10.92 11.37
C GLN B 117 -18.35 -10.01 10.69
N PRO B 118 -19.19 -9.32 11.47
CA PRO B 118 -20.18 -8.43 10.85
C PRO B 118 -19.54 -7.30 10.07
N LYS B 119 -20.13 -6.96 8.93
CA LYS B 119 -19.75 -5.76 8.22
C LYS B 119 -20.08 -4.49 9.02
N ALA B 120 -19.34 -3.42 8.70
CA ALA B 120 -19.58 -2.10 9.27
C ALA B 120 -19.06 -1.04 8.32
N ALA B 121 -19.88 -0.02 8.09
CA ALA B 121 -19.52 1.08 7.21
C ALA B 121 -18.54 2.02 7.93
N PRO B 122 -17.67 2.68 7.16
CA PRO B 122 -16.67 3.55 7.80
C PRO B 122 -17.27 4.81 8.41
N SER B 123 -16.67 5.21 9.53
CA SER B 123 -16.91 6.51 10.15
C SER B 123 -15.80 7.45 9.66
N VAL B 124 -16.17 8.57 9.04
CA VAL B 124 -15.23 9.44 8.34
C VAL B 124 -15.31 10.84 8.94
N THR B 125 -14.16 11.36 9.40
CA THR B 125 -14.01 12.73 9.86
C THR B 125 -12.91 13.41 9.05
N LEU B 126 -13.20 14.61 8.55
CA LEU B 126 -12.25 15.41 7.80
C LEU B 126 -11.92 16.62 8.65
N PHE B 127 -10.59 16.89 8.85
CA PHE B 127 -10.17 18.11 9.51
C PHE B 127 -9.55 19.08 8.52
N PRO B 128 -9.83 20.38 8.63
CA PRO B 128 -9.12 21.39 7.81
C PRO B 128 -7.74 21.69 8.36
N PRO B 129 -6.89 22.41 7.61
CA PRO B 129 -5.63 22.92 8.17
C PRO B 129 -5.86 23.73 9.44
N SER B 130 -4.93 23.64 10.39
CA SER B 130 -4.99 24.47 11.60
C SER B 130 -4.51 25.88 11.30
N SER B 131 -4.98 26.83 12.13
CA SER B 131 -4.57 28.20 11.94
C SER B 131 -3.07 28.36 12.11
N GLU B 132 -2.47 27.58 13.04
CA GLU B 132 -1.02 27.66 13.23
C GLU B 132 -0.27 27.21 11.97
N GLU B 133 -0.66 26.07 11.39
CA GLU B 133 -0.02 25.61 10.16
C GLU B 133 -0.23 26.62 9.02
N LEU B 134 -1.46 27.10 8.83
CA LEU B 134 -1.70 28.09 7.78
C LEU B 134 -0.76 29.28 7.92
N GLN B 135 -0.59 29.77 9.13
CA GLN B 135 0.30 30.89 9.38
C GLN B 135 1.76 30.54 9.12
N ALA B 136 2.09 29.26 8.97
CA ALA B 136 3.40 28.85 8.46
C ALA B 136 3.34 28.50 6.98
N ASN B 137 2.34 29.02 6.25
CA ASN B 137 2.19 28.91 4.79
C ASN B 137 1.99 27.48 4.33
N LYS B 138 1.40 26.63 5.18
CA LYS B 138 1.23 25.22 4.87
C LYS B 138 -0.21 24.84 5.20
N ALA B 139 -0.66 23.74 4.60
CA ALA B 139 -2.06 23.37 4.72
C ALA B 139 -2.17 21.87 4.44
N THR B 140 -2.31 21.09 5.51
CA THR B 140 -2.51 19.65 5.43
C THR B 140 -3.97 19.37 5.78
N LEU B 141 -4.72 18.80 4.84
CA LEU B 141 -6.04 18.30 5.16
C LEU B 141 -5.93 16.87 5.68
N VAL B 142 -6.73 16.53 6.68
CA VAL B 142 -6.64 15.22 7.33
C VAL B 142 -8.01 14.53 7.26
N CYS B 143 -8.07 13.38 6.58
CA CYS B 143 -9.29 12.59 6.49
C CYS B 143 -9.07 11.29 7.27
N LEU B 144 -9.86 11.08 8.33
CA LEU B 144 -9.70 9.93 9.23
C LEU B 144 -10.88 8.98 9.05
N ILE B 145 -10.57 7.68 8.92
CA ILE B 145 -11.51 6.64 8.48
C ILE B 145 -11.41 5.49 9.47
N SER B 146 -12.49 5.16 10.15
CA SER B 146 -12.35 4.17 11.20
C SER B 146 -13.56 3.24 11.25
N ASP B 147 -13.33 2.08 11.89
CA ASP B 147 -14.38 1.13 12.30
C ASP B 147 -15.07 0.44 11.11
N PHE B 148 -14.29 0.02 10.15
CA PHE B 148 -14.83 -0.56 8.95
C PHE B 148 -14.45 -2.01 8.72
N TYR B 149 -15.29 -2.73 8.00
CA TYR B 149 -15.05 -4.09 7.61
C TYR B 149 -15.85 -4.35 6.39
N PRO B 150 -15.27 -4.94 5.35
CA PRO B 150 -13.88 -5.41 5.16
C PRO B 150 -12.83 -4.34 5.25
N GLY B 151 -11.60 -4.75 5.58
CA GLY B 151 -10.50 -3.83 5.63
C GLY B 151 -10.00 -3.44 4.26
N ALA B 152 -10.84 -2.78 3.47
CA ALA B 152 -10.47 -2.33 2.13
C ALA B 152 -11.26 -1.08 1.80
N VAL B 153 -10.57 0.05 1.62
CA VAL B 153 -11.21 1.29 1.17
C VAL B 153 -10.33 1.97 0.14
N GLU B 154 -10.95 2.84 -0.65
CA GLU B 154 -10.28 3.64 -1.64
C GLU B 154 -10.65 5.11 -1.40
N VAL B 155 -9.68 6.01 -1.47
CA VAL B 155 -9.86 7.40 -1.05
C VAL B 155 -9.53 8.34 -2.20
N ALA B 156 -10.46 9.21 -2.52
CA ALA B 156 -10.23 10.24 -3.52
C ALA B 156 -10.50 11.60 -2.90
N TRP B 157 -9.96 12.63 -3.53
CA TRP B 157 -10.10 13.99 -3.05
C TRP B 157 -10.64 14.89 -4.17
N LYS B 158 -11.39 15.91 -3.78
CA LYS B 158 -11.97 16.88 -4.72
C LYS B 158 -11.59 18.28 -4.27
N ALA B 159 -11.48 19.19 -5.22
CA ALA B 159 -11.35 20.62 -4.96
C ALA B 159 -12.37 21.33 -5.81
N ASP B 160 -13.35 21.98 -5.18
CA ASP B 160 -14.46 22.62 -5.88
C ASP B 160 -15.17 21.68 -6.84
N GLY B 161 -15.34 20.42 -6.44
CA GLY B 161 -16.04 19.49 -7.32
C GLY B 161 -15.23 18.85 -8.43
N SER B 162 -13.93 19.17 -8.58
CA SER B 162 -13.06 18.52 -9.55
C SER B 162 -12.08 17.60 -8.85
N ALA B 163 -11.82 16.45 -9.46
CA ALA B 163 -10.90 15.48 -8.88
C ALA B 163 -9.54 16.11 -8.59
N VAL B 164 -8.95 15.73 -7.47
CA VAL B 164 -7.60 16.13 -7.11
C VAL B 164 -6.63 15.10 -7.68
N ASN B 165 -5.50 15.58 -8.18
CA ASN B 165 -4.58 14.77 -8.97
C ASN B 165 -3.20 14.58 -8.35
N ALA B 166 -2.89 15.25 -7.24
CA ALA B 166 -1.55 15.16 -6.66
C ALA B 166 -1.60 15.72 -5.24
N GLY B 167 -0.63 15.32 -4.43
CA GLY B 167 -0.57 15.76 -3.05
C GLY B 167 -1.28 14.88 -2.05
N VAL B 168 -1.73 13.70 -2.47
CA VAL B 168 -2.50 12.78 -1.64
C VAL B 168 -1.60 11.64 -1.19
N GLU B 169 -1.68 11.27 0.09
CA GLU B 169 -1.05 10.04 0.56
C GLU B 169 -2.00 9.31 1.50
N THR B 170 -2.19 8.00 1.28
CA THR B 170 -3.21 7.22 1.98
C THR B 170 -2.58 6.00 2.63
N THR B 171 -2.87 5.77 3.91
CA THR B 171 -2.31 4.57 4.54
C THR B 171 -3.11 3.34 4.12
N LYS B 172 -2.47 2.19 4.24
CA LYS B 172 -3.18 0.91 4.12
C LYS B 172 -4.01 0.69 5.39
N PRO B 173 -5.13 -0.03 5.32
CA PRO B 173 -5.92 -0.28 6.54
C PRO B 173 -5.15 -1.08 7.58
N SER B 174 -5.39 -0.75 8.85
CA SER B 174 -4.73 -1.43 9.95
C SER B 174 -5.80 -1.95 10.91
N LYS B 175 -5.66 -3.20 11.33
CA LYS B 175 -6.62 -3.80 12.24
C LYS B 175 -6.57 -3.09 13.58
N GLN B 176 -7.73 -2.67 14.09
CA GLN B 176 -7.76 -1.92 15.33
C GLN B 176 -8.20 -2.87 16.45
N SER B 177 -8.41 -2.33 17.65
CA SER B 177 -8.53 -3.19 18.83
C SER B 177 -9.78 -4.06 18.83
N ASN B 178 -10.89 -3.54 18.30
CA ASN B 178 -12.15 -4.27 18.23
C ASN B 178 -12.26 -5.13 16.97
N ASN B 179 -11.14 -5.41 16.32
CA ASN B 179 -11.00 -6.19 15.09
C ASN B 179 -11.60 -5.54 13.86
N LYS B 180 -12.08 -4.30 13.95
CA LYS B 180 -12.41 -3.55 12.75
C LYS B 180 -11.13 -2.91 12.20
N TYR B 181 -11.26 -2.12 11.13
CA TYR B 181 -10.10 -1.54 10.46
C TYR B 181 -10.17 -0.01 10.38
N ALA B 182 -9.00 0.62 10.30
CA ALA B 182 -8.82 2.06 10.31
C ALA B 182 -7.82 2.43 9.22
N ALA B 183 -7.95 3.65 8.70
CA ALA B 183 -7.02 4.16 7.70
C ALA B 183 -7.08 5.69 7.75
N SER B 184 -6.10 6.34 7.11
CA SER B 184 -6.10 7.80 7.09
C SER B 184 -5.63 8.32 5.74
N SER B 185 -6.02 9.55 5.41
CA SER B 185 -5.59 10.14 4.14
C SER B 185 -5.26 11.62 4.33
N TYR B 186 -4.18 12.06 3.70
CA TYR B 186 -3.62 13.38 3.89
C TYR B 186 -3.57 14.10 2.55
N LEU B 187 -4.03 15.34 2.51
CA LEU B 187 -3.90 16.18 1.31
C LEU B 187 -3.00 17.36 1.65
N SER B 188 -1.81 17.41 1.03
CA SER B 188 -0.75 18.36 1.41
C SER B 188 -0.70 19.52 0.42
N LEU B 189 -1.05 20.73 0.88
CA LEU B 189 -1.17 21.91 0.04
C LEU B 189 -0.35 23.06 0.63
N THR B 190 -0.08 24.07 -0.20
CA THR B 190 0.31 25.39 0.29
C THR B 190 -0.91 26.17 0.81
N SER B 191 -0.66 27.10 1.75
CA SER B 191 -1.67 28.05 2.20
C SER B 191 -2.37 28.71 1.03
N ASP B 192 -1.60 29.20 0.05
CA ASP B 192 -2.23 29.88 -1.08
C ASP B 192 -3.06 28.90 -1.91
N GLN B 193 -2.65 27.64 -1.98
CA GLN B 193 -3.50 26.64 -2.62
C GLN B 193 -4.80 26.48 -1.87
N TRP B 194 -4.73 26.28 -0.55
CA TRP B 194 -5.92 26.19 0.30
C TRP B 194 -6.88 27.33 0.05
N LYS B 195 -6.38 28.56 0.04
CA LYS B 195 -7.26 29.71 -0.10
C LYS B 195 -7.80 29.90 -1.51
N SER B 196 -7.37 29.10 -2.49
CA SER B 196 -7.78 29.29 -3.88
C SER B 196 -9.10 28.63 -4.22
N HIS B 197 -9.63 27.79 -3.34
CA HIS B 197 -10.86 27.07 -3.62
C HIS B 197 -11.89 27.36 -2.53
N LYS B 198 -13.16 27.18 -2.90
CA LYS B 198 -14.25 27.39 -1.97
C LYS B 198 -14.48 26.17 -1.08
N SER B 199 -14.12 24.96 -1.54
CA SER B 199 -14.32 23.77 -0.73
C SER B 199 -13.36 22.67 -1.16
N TYR B 200 -12.98 21.82 -0.20
CA TYR B 200 -12.32 20.54 -0.47
C TYR B 200 -13.14 19.40 0.14
N SER B 201 -13.09 18.24 -0.51
CA SER B 201 -13.86 17.05 -0.11
C SER B 201 -12.98 15.81 -0.10
N CYS B 202 -13.19 14.95 0.90
CA CYS B 202 -12.61 13.61 0.96
C CYS B 202 -13.70 12.60 0.62
N GLN B 203 -13.43 11.70 -0.35
CA GLN B 203 -14.38 10.67 -0.74
C GLN B 203 -13.85 9.30 -0.35
N VAL B 204 -14.60 8.57 0.47
CA VAL B 204 -14.17 7.25 0.91
C VAL B 204 -15.13 6.21 0.32
N THR B 205 -14.59 5.30 -0.49
CA THR B 205 -15.34 4.21 -1.12
C THR B 205 -15.08 2.89 -0.39
N HIS B 206 -16.18 2.22 -0.02
CA HIS B 206 -16.14 0.96 0.73
C HIS B 206 -17.05 -0.01 0.01
N GLU B 207 -16.46 -0.97 -0.72
CA GLU B 207 -17.21 -1.97 -1.46
C GLU B 207 -18.24 -1.34 -2.40
N GLY B 208 -17.80 -0.33 -3.15
CA GLY B 208 -18.62 0.27 -4.18
C GLY B 208 -19.59 1.36 -3.73
N SER B 209 -19.69 1.64 -2.44
CA SER B 209 -20.48 2.76 -1.92
C SER B 209 -19.56 3.83 -1.37
N THR B 210 -19.92 5.10 -1.62
CA THR B 210 -19.03 6.24 -1.38
C THR B 210 -19.64 7.23 -0.41
N VAL B 211 -18.83 7.68 0.56
CA VAL B 211 -19.21 8.76 1.48
C VAL B 211 -18.26 9.94 1.29
N GLU B 212 -18.81 11.14 1.29
CA GLU B 212 -18.05 12.36 1.00
C GLU B 212 -18.30 13.40 2.08
N LYS B 213 -17.21 13.84 2.74
CA LYS B 213 -17.22 14.95 3.67
C LYS B 213 -16.52 16.15 3.03
N THR B 214 -16.92 17.35 3.45
CA THR B 214 -16.53 18.58 2.78
C THR B 214 -16.16 19.63 3.81
N VAL B 215 -15.12 20.40 3.54
CA VAL B 215 -14.75 21.55 4.36
C VAL B 215 -14.49 22.74 3.45
N ALA B 216 -14.68 23.94 4.00
CA ALA B 216 -14.51 25.23 3.34
C ALA B 216 -13.41 26.02 4.01
N PRO B 217 -12.54 26.69 3.24
CA PRO B 217 -11.49 27.52 3.84
C PRO B 217 -12.01 28.75 4.55
N ALA B 218 -13.18 29.27 4.22
CA ALA B 218 -13.66 30.41 4.98
C ALA B 218 -14.09 29.94 6.38
#